data_4JXR
#
_entry.id   4JXR
#
_cell.length_a   51.256
_cell.length_b   80.978
_cell.length_c   83.870
_cell.angle_alpha   90.00
_cell.angle_beta   90.00
_cell.angle_gamma   90.00
#
_symmetry.space_group_name_H-M   'P 21 21 21'
#
loop_
_entity.id
_entity.type
_entity.pdbx_description
1 polymer Acetyltransferase
2 non-polymer 'CITRATE ANION'
3 non-polymer 'NONAETHYLENE GLYCOL'
4 non-polymer DI(HYDROXYETHYL)ETHER
5 non-polymer 'ACETYL COENZYME *A'
6 water water
#
_entity_poly.entity_id   1
_entity_poly.type   'polypeptide(L)'
_entity_poly.pdbx_seq_one_letter_code
;S(MSE)TATLRDAVAADLRSITEIYRESVLNGVATYEETPPSEAE(MSE)ALRFSTITGNGYPYVVALDERGAVIGYAYA
SAFRNRTAYRFLVEDSIYLSPEARGKGIGKALLSELVGRCTALGFRQ(MSE)IAVIGGAHPSSIALHRALGFELQGL
(MSE)KATGFKHGRWLDTAF(MSE)QRPLGEGTATKPTEGVYPDTLYRS
;
_entity_poly.pdbx_strand_id   A,B
#
# COMPACT_ATOMS: atom_id res chain seq x y z
N THR A 3 -31.20 -13.07 -6.99
CA THR A 3 -29.83 -13.35 -7.44
C THR A 3 -29.34 -12.14 -8.24
N ALA A 4 -28.14 -11.66 -7.95
CA ALA A 4 -27.58 -10.54 -8.66
C ALA A 4 -27.21 -10.92 -10.07
N THR A 5 -27.30 -9.95 -10.97
CA THR A 5 -26.90 -10.13 -12.36
C THR A 5 -25.54 -9.50 -12.55
N LEU A 6 -24.53 -10.32 -12.72
CA LEU A 6 -23.18 -9.86 -12.88
C LEU A 6 -22.67 -10.22 -14.24
N ARG A 7 -21.71 -9.47 -14.76
CA ARG A 7 -20.96 -9.85 -15.92
C ARG A 7 -19.64 -9.08 -15.91
N ASP A 8 -18.70 -9.47 -16.76
CA ASP A 8 -17.49 -8.75 -16.83
C ASP A 8 -17.69 -7.36 -17.40
N ALA A 9 -16.93 -6.40 -16.91
CA ALA A 9 -16.99 -5.05 -17.43
C ALA A 9 -16.39 -4.98 -18.81
N VAL A 10 -16.91 -4.05 -19.61
CA VAL A 10 -16.37 -3.75 -20.93
C VAL A 10 -16.21 -2.26 -21.02
N ALA A 11 -15.56 -1.80 -22.10
CA ALA A 11 -15.34 -0.38 -22.28
C ALA A 11 -16.59 0.45 -22.24
N ALA A 12 -17.71 -0.08 -22.78
CA ALA A 12 -18.98 0.61 -22.79
C ALA A 12 -19.57 0.85 -21.42
N ASP A 13 -19.00 0.22 -20.35
CA ASP A 13 -19.48 0.45 -19.00
C ASP A 13 -18.79 1.60 -18.29
N LEU A 14 -17.75 2.19 -18.91
CA LEU A 14 -16.92 3.15 -18.20
CA LEU A 14 -16.94 3.15 -18.20
C LEU A 14 -17.65 4.41 -17.76
N ARG A 15 -18.60 4.88 -18.55
CA ARG A 15 -19.33 6.06 -18.14
CA ARG A 15 -19.34 6.07 -18.14
C ARG A 15 -20.07 5.85 -16.81
N SER A 16 -20.77 4.71 -16.72
CA SER A 16 -21.47 4.36 -15.50
C SER A 16 -20.52 4.09 -14.33
N ILE A 17 -19.44 3.38 -14.58
CA ILE A 17 -18.44 3.15 -13.55
C ILE A 17 -17.89 4.46 -13.01
N THR A 18 -17.61 5.40 -13.91
CA THR A 18 -17.07 6.69 -13.53
C THR A 18 -18.04 7.44 -12.64
N GLU A 19 -19.31 7.40 -13.05
CA GLU A 19 -20.33 8.09 -12.22
CA GLU A 19 -20.36 8.08 -12.23
C GLU A 19 -20.57 7.51 -10.74
N ILE A 20 -20.50 6.16 -10.71
CA ILE A 20 -20.57 5.47 -9.45
C ILE A 20 -19.40 5.86 -8.58
N TYR A 21 -18.21 5.80 -9.15
CA TYR A 21 -17.03 6.15 -8.38
C TYR A 21 -17.05 7.63 -7.97
N ARG A 22 -17.49 8.51 -8.87
CA ARG A 22 -17.58 9.92 -8.52
CA ARG A 22 -17.58 9.92 -8.52
C ARG A 22 -18.41 10.14 -7.24
N GLU A 23 -19.57 9.47 -7.17
CA GLU A 23 -20.46 9.64 -6.03
C GLU A 23 -19.71 9.17 -4.79
N SER A 24 -18.98 8.06 -4.87
CA SER A 24 -18.22 7.55 -3.73
CA SER A 24 -18.24 7.56 -3.74
C SER A 24 -17.11 8.51 -3.33
N VAL A 25 -16.41 9.07 -4.30
CA VAL A 25 -15.35 10.00 -4.01
C VAL A 25 -15.90 11.22 -3.25
N LEU A 26 -17.03 11.74 -3.72
CA LEU A 26 -17.60 12.95 -3.14
C LEU A 26 -18.30 12.72 -1.84
N ASN A 27 -19.00 11.62 -1.64
CA ASN A 27 -19.86 11.45 -0.50
C ASN A 27 -19.43 10.43 0.51
N GLY A 28 -18.43 9.61 0.21
CA GLY A 28 -18.09 8.48 1.09
C GLY A 28 -16.66 8.51 1.58
N VAL A 29 -16.28 7.51 2.36
N VAL A 29 -16.39 7.46 2.39
CA VAL A 29 -14.89 7.40 2.75
CA VAL A 29 -15.09 7.13 3.05
C VAL A 29 -14.33 6.01 2.41
C VAL A 29 -14.37 5.93 2.48
N ALA A 30 -15.02 5.22 1.60
CA ALA A 30 -14.45 3.98 1.05
C ALA A 30 -13.24 4.25 0.22
N THR A 31 -13.22 5.37 -0.48
CA THR A 31 -12.05 5.77 -1.23
C THR A 31 -11.47 7.04 -0.62
N TYR A 32 -10.15 7.05 -0.54
CA TYR A 32 -9.42 8.19 0.00
C TYR A 32 -9.01 9.16 -1.10
N GLU A 33 -9.41 8.84 -2.34
CA GLU A 33 -9.35 9.94 -3.41
CA GLU A 33 -9.31 9.97 -3.36
C GLU A 33 -10.38 11.17 -3.16
N GLU A 34 -9.93 12.39 -3.42
CA GLU A 34 -10.69 13.59 -3.12
C GLU A 34 -11.37 14.15 -4.38
N THR A 35 -10.66 14.11 -5.49
CA THR A 35 -11.15 14.67 -6.75
C THR A 35 -11.62 13.53 -7.63
N PRO A 36 -12.87 13.54 -8.08
CA PRO A 36 -13.29 12.43 -8.95
C PRO A 36 -12.47 12.34 -10.20
N PRO A 37 -11.98 11.15 -10.56
CA PRO A 37 -11.29 11.00 -11.82
C PRO A 37 -12.25 11.17 -12.96
N SER A 38 -11.70 11.62 -14.09
CA SER A 38 -12.46 11.65 -15.33
C SER A 38 -12.70 10.23 -15.85
N GLU A 39 -13.63 10.10 -16.80
CA GLU A 39 -13.84 8.86 -17.47
C GLU A 39 -12.58 8.38 -18.16
N ALA A 40 -11.81 9.33 -18.73
CA ALA A 40 -10.56 8.97 -19.40
C ALA A 40 -9.59 8.30 -18.37
N GLU A 41 -9.51 8.87 -17.18
CA GLU A 41 -8.65 8.30 -16.15
C GLU A 41 -9.14 6.95 -15.71
N ALA A 43 -10.84 4.88 -17.43
CA ALA A 43 -10.60 3.99 -18.52
C ALA A 43 -9.16 3.49 -18.57
N LEU A 44 -8.21 4.35 -18.29
CA LEU A 44 -6.82 3.93 -18.20
C LEU A 44 -6.63 2.94 -17.05
N ARG A 45 -7.23 3.24 -15.91
CA ARG A 45 -7.16 2.31 -14.78
C ARG A 45 -7.75 0.95 -15.15
N PHE A 46 -8.90 0.93 -15.80
CA PHE A 46 -9.53 -0.28 -16.25
C PHE A 46 -8.62 -1.05 -17.20
N SER A 47 -8.00 -0.36 -18.15
CA SER A 47 -7.08 -0.95 -19.12
CA SER A 47 -7.14 -1.04 -19.10
C SER A 47 -5.93 -1.64 -18.39
N THR A 48 -5.40 -0.97 -17.39
CA THR A 48 -4.26 -1.49 -16.67
C THR A 48 -4.62 -2.74 -15.85
N ILE A 49 -5.72 -2.65 -15.10
CA ILE A 49 -6.15 -3.74 -14.24
C ILE A 49 -6.42 -4.96 -15.11
N THR A 50 -7.22 -4.82 -16.15
CA THR A 50 -7.56 -5.93 -16.98
C THR A 50 -6.39 -6.40 -17.80
N GLY A 51 -5.46 -5.53 -18.16
CA GLY A 51 -4.26 -5.93 -18.87
C GLY A 51 -3.38 -6.82 -18.03
N ASN A 52 -3.46 -6.74 -16.71
CA ASN A 52 -2.75 -7.61 -15.81
C ASN A 52 -3.47 -8.91 -15.51
N GLY A 53 -4.59 -9.16 -16.17
CA GLY A 53 -5.32 -10.41 -16.03
C GLY A 53 -6.30 -10.46 -14.87
N TYR A 54 -6.46 -9.35 -14.14
CA TYR A 54 -7.36 -9.34 -13.01
C TYR A 54 -8.81 -9.20 -13.46
N PRO A 55 -9.75 -9.73 -12.68
CA PRO A 55 -11.17 -9.63 -13.01
C PRO A 55 -11.71 -8.26 -12.67
N TYR A 56 -12.60 -7.77 -13.52
CA TYR A 56 -13.26 -6.47 -13.36
C TYR A 56 -14.69 -6.67 -13.82
N VAL A 57 -15.65 -6.54 -12.91
CA VAL A 57 -17.02 -6.95 -13.11
CA VAL A 57 -17.02 -6.99 -13.07
C VAL A 57 -18.01 -5.86 -12.76
N VAL A 58 -19.17 -5.96 -13.35
CA VAL A 58 -20.28 -5.05 -13.04
C VAL A 58 -21.49 -5.85 -12.57
N ALA A 59 -22.32 -5.16 -11.80
CA ALA A 59 -23.65 -5.61 -11.41
C ALA A 59 -24.68 -4.76 -12.18
N LEU A 60 -25.71 -5.43 -12.64
CA LEU A 60 -26.73 -4.81 -13.48
C LEU A 60 -28.08 -4.84 -12.81
N ASP A 61 -28.88 -3.81 -13.09
CA ASP A 61 -30.30 -3.85 -12.74
C ASP A 61 -31.08 -4.67 -13.76
N GLU A 62 -32.40 -4.72 -13.58
CA GLU A 62 -33.27 -5.60 -14.37
CA GLU A 62 -33.24 -5.63 -14.38
C GLU A 62 -33.33 -5.19 -15.83
N ARG A 63 -33.01 -3.93 -16.11
CA ARG A 63 -32.94 -3.41 -17.47
CA ARG A 63 -32.97 -3.43 -17.48
C ARG A 63 -31.55 -3.45 -18.09
N GLY A 64 -30.57 -3.98 -17.35
CA GLY A 64 -29.22 -4.08 -17.86
C GLY A 64 -28.30 -2.90 -17.58
N ALA A 65 -28.76 -1.88 -16.83
CA ALA A 65 -27.92 -0.74 -16.51
C ALA A 65 -26.92 -1.13 -15.39
N VAL A 66 -25.72 -0.60 -15.48
CA VAL A 66 -24.70 -0.85 -14.44
C VAL A 66 -25.04 -0.09 -13.20
N ILE A 67 -25.14 -0.80 -12.07
CA ILE A 67 -25.46 -0.19 -10.78
C ILE A 67 -24.40 -0.42 -9.71
N GLY A 68 -23.34 -1.16 -10.05
CA GLY A 68 -22.22 -1.36 -9.17
C GLY A 68 -21.11 -2.00 -9.95
N TYR A 69 -19.90 -2.01 -9.36
CA TYR A 69 -18.77 -2.67 -10.02
C TYR A 69 -17.79 -3.11 -8.96
N ALA A 70 -16.89 -3.99 -9.37
CA ALA A 70 -15.86 -4.49 -8.46
C ALA A 70 -14.70 -4.99 -9.28
N TYR A 71 -13.53 -4.96 -8.68
CA TYR A 71 -12.37 -5.55 -9.32
C TYR A 71 -11.39 -6.02 -8.28
N ALA A 72 -10.51 -6.92 -8.69
CA ALA A 72 -9.33 -7.24 -7.95
C ALA A 72 -8.14 -6.60 -8.62
N SER A 73 -7.14 -6.25 -7.85
CA SER A 73 -5.90 -5.74 -8.39
CA SER A 73 -5.91 -5.74 -8.40
C SER A 73 -4.79 -6.01 -7.38
N ALA A 74 -3.58 -5.57 -7.69
CA ALA A 74 -2.48 -5.76 -6.74
C ALA A 74 -2.73 -4.96 -5.48
N PHE A 75 -2.28 -5.49 -4.36
CA PHE A 75 -2.10 -4.68 -3.15
C PHE A 75 -0.92 -3.71 -3.40
N ARG A 76 0.22 -4.25 -3.82
CA ARG A 76 1.36 -3.54 -4.32
C ARG A 76 1.93 -4.39 -5.46
N ASN A 77 2.35 -3.75 -6.52
CA ASN A 77 2.78 -4.48 -7.72
C ASN A 77 4.28 -4.81 -7.67
N ARG A 78 4.76 -5.34 -6.57
CA ARG A 78 6.12 -5.85 -6.40
CA ARG A 78 6.10 -5.87 -6.42
C ARG A 78 6.04 -7.37 -6.49
N THR A 79 7.11 -7.93 -7.05
CA THR A 79 7.18 -9.32 -7.40
C THR A 79 6.66 -10.26 -6.32
N ALA A 80 7.15 -10.12 -5.10
CA ALA A 80 6.80 -11.10 -4.09
C ALA A 80 5.35 -11.07 -3.69
N TYR A 81 4.62 -9.97 -3.99
CA TYR A 81 3.21 -9.85 -3.73
C TYR A 81 2.32 -10.43 -4.82
N ARG A 82 2.90 -11.11 -5.84
CA ARG A 82 2.08 -11.46 -7.01
C ARG A 82 0.94 -12.41 -6.73
N PHE A 83 0.99 -13.19 -5.68
CA PHE A 83 -0.09 -14.11 -5.32
C PHE A 83 -1.13 -13.48 -4.42
N LEU A 84 -0.98 -12.20 -4.10
CA LEU A 84 -1.91 -11.41 -3.26
C LEU A 84 -2.69 -10.46 -4.15
N VAL A 85 -4.00 -10.44 -3.96
CA VAL A 85 -4.88 -9.50 -4.60
C VAL A 85 -5.65 -8.71 -3.53
N GLU A 86 -6.08 -7.53 -3.92
CA GLU A 86 -6.89 -6.66 -3.10
C GLU A 86 -8.20 -6.43 -3.81
N ASP A 87 -9.34 -6.46 -3.10
CA ASP A 87 -10.62 -6.20 -3.72
C ASP A 87 -11.06 -4.77 -3.55
N SER A 88 -11.78 -4.28 -4.55
CA SER A 88 -12.43 -2.98 -4.54
C SER A 88 -13.85 -3.16 -5.02
N ILE A 89 -14.83 -2.62 -4.29
CA ILE A 89 -16.25 -2.78 -4.57
C ILE A 89 -16.92 -1.44 -4.41
N TYR A 90 -17.71 -1.03 -5.40
CA TYR A 90 -18.45 0.25 -5.37
C TYR A 90 -19.86 0.02 -5.86
N LEU A 91 -20.83 0.32 -5.00
CA LEU A 91 -22.25 0.22 -5.32
C LEU A 91 -22.85 1.60 -5.40
N SER A 92 -23.68 1.84 -6.39
CA SER A 92 -24.52 3.03 -6.42
C SER A 92 -25.47 2.96 -5.23
N PRO A 93 -25.96 4.14 -4.76
CA PRO A 93 -26.88 4.13 -3.62
C PRO A 93 -28.05 3.19 -3.83
N GLU A 94 -28.59 3.11 -5.04
N GLU A 94 -28.59 3.11 -5.03
CA GLU A 94 -29.77 2.31 -5.29
CA GLU A 94 -29.79 2.30 -5.28
C GLU A 94 -29.51 0.82 -5.28
C GLU A 94 -29.50 0.80 -5.32
N ALA A 95 -28.23 0.44 -5.36
CA ALA A 95 -27.82 -0.95 -5.36
C ALA A 95 -27.57 -1.48 -3.96
N ARG A 96 -27.62 -0.65 -2.93
CA ARG A 96 -27.25 -1.08 -1.58
C ARG A 96 -28.42 -1.80 -0.93
N GLY A 97 -28.14 -2.74 -0.05
CA GLY A 97 -29.20 -3.45 0.68
C GLY A 97 -29.94 -4.53 -0.06
N LYS A 98 -29.31 -5.01 -1.13
CA LYS A 98 -29.90 -5.96 -2.01
C LYS A 98 -29.06 -7.20 -2.24
N GLY A 99 -28.03 -7.42 -1.43
CA GLY A 99 -27.13 -8.57 -1.60
C GLY A 99 -26.15 -8.42 -2.75
N ILE A 100 -26.07 -7.25 -3.37
CA ILE A 100 -25.21 -7.09 -4.56
C ILE A 100 -23.76 -7.01 -4.14
N GLY A 101 -23.42 -6.35 -3.04
CA GLY A 101 -22.03 -6.37 -2.56
C GLY A 101 -21.53 -7.78 -2.34
N LYS A 102 -22.38 -8.61 -1.72
CA LYS A 102 -22.02 -10.02 -1.46
CA LYS A 102 -21.97 -9.97 -1.45
C LYS A 102 -21.75 -10.76 -2.76
N ALA A 103 -22.61 -10.53 -3.76
CA ALA A 103 -22.47 -11.21 -5.03
C ALA A 103 -21.15 -10.77 -5.71
N LEU A 104 -20.89 -9.47 -5.74
CA LEU A 104 -19.64 -8.97 -6.34
C LEU A 104 -18.43 -9.53 -5.64
N LEU A 105 -18.44 -9.53 -4.31
CA LEU A 105 -17.29 -10.06 -3.58
C LEU A 105 -17.14 -11.55 -3.79
N SER A 106 -18.26 -12.29 -3.84
CA SER A 106 -18.23 -13.72 -4.13
CA SER A 106 -18.18 -13.70 -4.13
CA SER A 106 -18.18 -13.72 -4.11
C SER A 106 -17.58 -14.01 -5.50
N GLU A 107 -17.92 -13.16 -6.46
CA GLU A 107 -17.35 -13.29 -7.78
C GLU A 107 -15.86 -13.01 -7.75
N LEU A 108 -15.41 -11.95 -7.09
CA LEU A 108 -13.99 -11.71 -7.00
C LEU A 108 -13.27 -12.87 -6.32
N VAL A 109 -13.79 -13.34 -5.19
CA VAL A 109 -13.19 -14.45 -4.48
C VAL A 109 -13.10 -15.66 -5.40
N GLY A 110 -14.20 -16.02 -6.04
CA GLY A 110 -14.21 -17.18 -6.91
C GLY A 110 -13.26 -17.05 -8.07
N ARG A 111 -13.32 -15.91 -8.75
CA ARG A 111 -12.45 -15.66 -9.90
C ARG A 111 -11.00 -15.77 -9.51
N CYS A 112 -10.61 -15.10 -8.41
CA CYS A 112 -9.20 -15.09 -8.03
C CYS A 112 -8.78 -16.46 -7.54
N THR A 113 -9.66 -17.23 -6.95
CA THR A 113 -9.37 -18.62 -6.62
C THR A 113 -9.06 -19.42 -7.89
N ALA A 114 -9.94 -19.32 -8.89
CA ALA A 114 -9.75 -20.01 -10.14
C ALA A 114 -8.47 -19.59 -10.84
N LEU A 115 -8.13 -18.31 -10.79
CA LEU A 115 -6.96 -17.78 -11.47
C LEU A 115 -5.66 -18.19 -10.82
N GLY A 116 -5.66 -18.57 -9.55
CA GLY A 116 -4.49 -19.06 -8.88
C GLY A 116 -3.87 -18.14 -7.86
N PHE A 117 -4.52 -17.03 -7.51
CA PHE A 117 -4.09 -16.23 -6.37
C PHE A 117 -4.28 -17.00 -5.07
N ARG A 118 -3.55 -16.59 -4.05
CA ARG A 118 -3.52 -17.35 -2.78
C ARG A 118 -4.00 -16.57 -1.55
N GLN A 119 -4.07 -15.22 -1.62
CA GLN A 119 -4.56 -14.43 -0.51
C GLN A 119 -5.28 -13.22 -1.09
N ILE A 121 -6.70 -9.38 0.28
CA ILE A 121 -6.76 -8.34 1.31
CA ILE A 121 -6.80 -8.36 1.31
C ILE A 121 -7.79 -7.32 0.92
N ALA A 122 -8.50 -6.81 1.94
CA ALA A 122 -9.37 -5.65 1.82
C ALA A 122 -8.80 -4.55 2.71
N VAL A 123 -8.69 -3.37 2.13
CA VAL A 123 -8.22 -2.17 2.83
C VAL A 123 -9.42 -1.24 2.88
N ILE A 124 -10.07 -1.16 4.02
CA ILE A 124 -11.41 -0.61 4.17
C ILE A 124 -11.31 0.82 4.68
N GLY A 125 -11.58 1.76 3.80
CA GLY A 125 -11.54 3.18 4.15
C GLY A 125 -12.54 3.53 5.18
N GLY A 126 -12.09 4.28 6.15
CA GLY A 126 -12.94 4.65 7.26
C GLY A 126 -13.25 3.55 8.21
N ALA A 127 -12.80 2.32 7.94
CA ALA A 127 -13.19 1.19 8.77
C ALA A 127 -14.72 1.09 8.88
N HIS A 128 -15.44 1.36 7.82
CA HIS A 128 -16.88 1.41 7.90
C HIS A 128 -17.42 0.05 8.32
N PRO A 129 -18.28 0.00 9.37
CA PRO A 129 -18.75 -1.32 9.83
C PRO A 129 -19.52 -2.12 8.79
N SER A 130 -20.24 -1.47 7.89
CA SER A 130 -20.98 -2.23 6.92
C SER A 130 -20.06 -2.96 5.96
N SER A 131 -18.97 -2.32 5.58
N SER A 131 -18.95 -2.32 5.61
CA SER A 131 -17.99 -2.96 4.68
CA SER A 131 -18.00 -2.92 4.70
C SER A 131 -17.22 -4.05 5.42
C SER A 131 -17.19 -4.02 5.40
N ILE A 132 -16.84 -3.81 6.67
CA ILE A 132 -16.22 -4.85 7.46
C ILE A 132 -17.09 -6.08 7.50
N ALA A 133 -18.39 -5.88 7.76
CA ALA A 133 -19.33 -6.99 7.90
C ALA A 133 -19.51 -7.74 6.58
N LEU A 134 -19.59 -7.01 5.48
CA LEU A 134 -19.66 -7.67 4.17
C LEU A 134 -18.52 -8.62 3.96
N HIS A 135 -17.31 -8.12 4.26
CA HIS A 135 -16.13 -8.95 4.08
C HIS A 135 -16.13 -10.12 5.07
N ARG A 136 -16.51 -9.89 6.33
CA ARG A 136 -16.57 -10.96 7.30
C ARG A 136 -17.49 -12.08 6.80
N ALA A 137 -18.61 -11.72 6.21
CA ALA A 137 -19.56 -12.68 5.71
C ALA A 137 -19.01 -13.57 4.63
N LEU A 138 -18.00 -13.11 3.92
N LEU A 138 -18.01 -13.12 3.90
CA LEU A 138 -17.30 -13.82 2.87
CA LEU A 138 -17.42 -14.01 2.92
C LEU A 138 -16.02 -14.48 3.38
C LEU A 138 -16.06 -14.52 3.37
N GLY A 139 -15.84 -14.58 4.69
CA GLY A 139 -14.73 -15.29 5.25
C GLY A 139 -13.50 -14.49 5.49
N PHE A 140 -13.51 -13.20 5.29
CA PHE A 140 -12.39 -12.35 5.67
C PHE A 140 -12.33 -12.22 7.18
N GLU A 141 -11.14 -12.11 7.72
CA GLU A 141 -10.93 -11.81 9.13
C GLU A 141 -10.19 -10.50 9.26
N LEU A 142 -10.57 -9.73 10.27
CA LEU A 142 -9.91 -8.49 10.60
C LEU A 142 -8.48 -8.74 11.06
N GLN A 143 -7.54 -8.11 10.42
CA GLN A 143 -6.15 -8.23 10.75
C GLN A 143 -5.60 -7.06 11.49
N GLY A 144 -6.15 -5.87 11.34
CA GLY A 144 -5.69 -4.70 12.09
C GLY A 144 -6.43 -3.50 11.69
N LEU A 145 -6.24 -2.46 12.48
CA LEU A 145 -6.91 -1.19 12.33
C LEU A 145 -5.85 -0.12 12.43
N LYS A 147 -5.12 3.35 12.83
CA LYS A 147 -5.91 4.45 13.30
C LYS A 147 -5.47 5.81 12.76
N ALA A 148 -6.44 6.64 12.43
CA ALA A 148 -6.23 8.06 12.09
C ALA A 148 -5.24 8.21 10.95
N THR A 149 -5.32 7.30 9.99
CA THR A 149 -4.49 7.27 8.84
C THR A 149 -5.04 8.01 7.64
N GLY A 150 -6.33 8.26 7.61
CA GLY A 150 -6.91 9.10 6.60
C GLY A 150 -7.45 10.40 7.20
N PHE A 151 -7.57 11.43 6.36
CA PHE A 151 -8.20 12.69 6.75
C PHE A 151 -9.05 13.12 5.59
N LYS A 152 -10.37 13.12 5.76
CA LYS A 152 -11.30 13.47 4.68
C LYS A 152 -12.58 14.05 5.29
N HIS A 153 -13.22 14.98 4.64
N HIS A 153 -13.30 14.91 4.65
CA HIS A 153 -14.44 15.61 5.13
CA HIS A 153 -14.54 15.47 5.21
C HIS A 153 -14.26 16.06 6.60
C HIS A 153 -14.29 16.13 6.59
N GLY A 154 -13.07 16.59 6.86
CA GLY A 154 -12.76 17.26 8.12
C GLY A 154 -12.53 16.32 9.29
N ARG A 155 -12.38 15.01 9.05
CA ARG A 155 -12.32 14.01 10.11
CA ARG A 155 -12.20 14.11 10.17
C ARG A 155 -11.11 13.09 9.92
N TRP A 156 -10.51 12.69 11.02
CA TRP A 156 -9.55 11.58 11.03
C TRP A 156 -10.30 10.27 10.83
N LEU A 157 -9.77 9.42 9.97
CA LEU A 157 -10.34 8.16 9.59
C LEU A 157 -9.42 7.03 9.92
N ASP A 158 -9.98 5.95 10.42
CA ASP A 158 -9.27 4.68 10.59
C ASP A 158 -9.35 3.89 9.29
N THR A 159 -8.36 3.03 9.08
CA THR A 159 -8.33 2.18 7.90
C THR A 159 -8.20 0.73 8.35
N ALA A 160 -9.18 -0.10 8.04
CA ALA A 160 -9.17 -1.49 8.49
C ALA A 160 -8.57 -2.39 7.43
N PHE A 161 -7.81 -3.37 7.85
CA PHE A 161 -7.19 -4.37 6.96
C PHE A 161 -7.80 -5.71 7.29
N GLN A 163 -8.34 -9.94 5.69
CA GLN A 163 -7.67 -10.92 4.79
C GLN A 163 -8.47 -12.21 4.76
N ARG A 164 -8.44 -12.89 3.63
CA ARG A 164 -9.03 -14.20 3.37
CA ARG A 164 -8.75 -14.30 3.60
C ARG A 164 -7.95 -15.00 2.58
N PRO A 165 -7.65 -16.28 2.90
CA PRO A 165 -6.89 -17.11 1.99
C PRO A 165 -7.76 -17.43 0.77
N LEU A 166 -7.11 -17.74 -0.31
CA LEU A 166 -7.75 -18.20 -1.52
C LEU A 166 -7.18 -19.57 -1.90
N GLY A 167 -8.04 -20.48 -2.27
CA GLY A 167 -7.60 -21.76 -2.72
C GLY A 167 -6.73 -22.47 -1.70
N GLU A 168 -5.59 -22.93 -2.19
CA GLU A 168 -4.62 -23.62 -1.36
C GLU A 168 -3.92 -22.69 -0.34
N GLY A 169 -4.03 -21.36 -0.49
CA GLY A 169 -3.47 -20.45 0.51
C GLY A 169 -1.97 -20.67 0.65
N THR A 170 -1.53 -20.82 1.90
CA THR A 170 -0.13 -21.02 2.20
C THR A 170 0.27 -22.48 2.21
N ALA A 171 -0.65 -23.39 1.94
CA ALA A 171 -0.41 -24.80 2.20
C ALA A 171 0.49 -25.47 1.19
N THR A 172 0.59 -24.95 -0.02
CA THR A 172 1.43 -25.45 -1.11
C THR A 172 2.20 -24.33 -1.75
N LYS A 173 3.31 -24.63 -2.38
CA LYS A 173 4.02 -23.70 -3.22
C LYS A 173 3.31 -23.45 -4.52
N PRO A 174 3.29 -22.21 -5.04
CA PRO A 174 2.63 -22.02 -6.35
C PRO A 174 3.39 -22.68 -7.48
N THR A 175 2.63 -23.04 -8.49
CA THR A 175 3.21 -23.65 -9.68
C THR A 175 4.03 -22.63 -10.45
N GLU A 176 5.31 -22.92 -10.73
CA GLU A 176 6.15 -22.02 -11.47
C GLU A 176 5.69 -21.89 -12.89
N GLY A 177 5.72 -20.68 -13.38
CA GLY A 177 5.55 -20.39 -14.77
C GLY A 177 4.15 -20.36 -15.30
N VAL A 178 3.17 -20.42 -14.42
CA VAL A 178 1.79 -20.25 -14.84
CA VAL A 178 1.76 -20.36 -14.75
C VAL A 178 1.19 -19.12 -14.01
N TYR A 179 0.34 -18.36 -14.68
CA TYR A 179 -0.30 -17.21 -14.05
C TYR A 179 -0.88 -17.64 -12.71
N PRO A 180 -0.73 -16.83 -11.64
CA PRO A 180 -0.16 -15.45 -11.60
C PRO A 180 1.32 -15.42 -11.26
N ASP A 181 2.02 -16.55 -11.29
CA ASP A 181 3.47 -16.55 -11.06
C ASP A 181 4.18 -15.68 -12.08
N THR A 182 3.59 -15.50 -13.24
CA THR A 182 4.14 -14.73 -14.33
C THR A 182 4.01 -13.21 -14.18
N LEU A 183 3.26 -12.73 -13.15
CA LEU A 183 3.11 -11.29 -12.94
C LEU A 183 4.34 -10.71 -12.28
N TYR A 184 4.65 -9.49 -12.71
CA TYR A 184 5.66 -8.67 -12.04
C TYR A 184 7.04 -9.27 -12.05
N ARG A 185 7.41 -9.94 -13.15
CA ARG A 185 8.70 -10.60 -13.30
C ARG A 185 9.51 -9.80 -14.32
N SER A 186 10.79 -9.83 -14.22
CA SER A 186 11.55 -8.97 -15.15
C SER A 186 13.04 -9.29 -15.03
N THR B 3 28.27 7.36 17.68
CA THR B 3 27.09 8.07 17.20
C THR B 3 27.14 8.14 15.67
N ALA B 4 26.02 7.88 15.02
CA ALA B 4 26.01 7.81 13.57
C ALA B 4 26.20 9.17 12.95
N THR B 5 26.72 9.19 11.73
CA THR B 5 26.95 10.40 10.94
C THR B 5 25.90 10.40 9.83
N LEU B 6 24.93 11.31 9.88
CA LEU B 6 23.80 11.37 8.91
C LEU B 6 23.78 12.69 8.19
N ARG B 7 23.33 12.68 6.92
CA ARG B 7 23.07 13.91 6.20
C ARG B 7 22.04 13.63 5.13
N ASP B 8 21.47 14.67 4.55
N ASP B 8 21.53 14.68 4.51
N ASP B 8 21.43 14.66 4.57
CA ASP B 8 20.58 14.51 3.43
CA ASP B 8 20.63 14.55 3.39
CA ASP B 8 20.54 14.44 3.46
C ASP B 8 21.31 13.85 2.25
C ASP B 8 21.34 13.84 2.23
C ASP B 8 21.29 13.86 2.26
N ALA B 9 20.61 12.95 1.58
CA ALA B 9 21.13 12.32 0.36
C ALA B 9 21.19 13.36 -0.76
N VAL B 10 22.17 13.17 -1.63
CA VAL B 10 22.30 13.96 -2.85
C VAL B 10 22.51 13.00 -4.00
N ALA B 11 22.43 13.55 -5.23
CA ALA B 11 22.63 12.71 -6.43
C ALA B 11 23.92 11.94 -6.41
N ALA B 12 24.98 12.52 -5.82
CA ALA B 12 26.26 11.84 -5.80
C ALA B 12 26.26 10.57 -4.97
N ASP B 13 25.22 10.34 -4.17
CA ASP B 13 25.11 9.13 -3.36
C ASP B 13 24.44 7.96 -4.11
N LEU B 14 24.05 8.18 -5.36
N LEU B 14 24.05 8.18 -5.35
CA LEU B 14 23.24 7.23 -6.08
CA LEU B 14 23.21 7.21 -6.01
C LEU B 14 23.86 5.86 -6.22
C LEU B 14 23.85 5.86 -6.24
N ARG B 15 25.16 5.80 -6.52
CA ARG B 15 25.77 4.48 -6.68
C ARG B 15 25.68 3.68 -5.41
N SER B 16 26.01 4.32 -4.28
CA SER B 16 25.99 3.57 -3.02
C SER B 16 24.58 3.14 -2.66
N ILE B 17 23.63 4.05 -2.82
CA ILE B 17 22.22 3.71 -2.58
C ILE B 17 21.80 2.52 -3.42
N THR B 18 22.12 2.59 -4.71
CA THR B 18 21.68 1.55 -5.64
C THR B 18 22.28 0.22 -5.26
N GLU B 19 23.56 0.22 -4.90
CA GLU B 19 24.23 -1.03 -4.52
C GLU B 19 23.76 -1.61 -3.22
N ILE B 20 23.47 -0.74 -2.24
CA ILE B 20 22.90 -1.22 -0.99
C ILE B 20 21.54 -1.83 -1.25
N TYR B 21 20.70 -1.16 -2.03
CA TYR B 21 19.37 -1.70 -2.29
C TYR B 21 19.49 -3.01 -3.08
N ARG B 22 20.39 -3.06 -4.05
CA ARG B 22 20.61 -4.27 -4.84
CA ARG B 22 20.61 -4.28 -4.84
C ARG B 22 20.85 -5.48 -3.92
N GLU B 23 21.75 -5.30 -2.96
CA GLU B 23 22.08 -6.40 -2.07
C GLU B 23 20.84 -6.86 -1.32
N SER B 24 20.01 -5.94 -0.87
CA SER B 24 18.77 -6.28 -0.17
CA SER B 24 18.78 -6.31 -0.16
C SER B 24 17.76 -6.98 -1.10
N VAL B 25 17.61 -6.49 -2.33
CA VAL B 25 16.76 -7.11 -3.29
C VAL B 25 17.13 -8.58 -3.50
N LEU B 26 18.41 -8.82 -3.68
CA LEU B 26 18.87 -10.16 -4.01
C LEU B 26 18.85 -11.07 -2.78
N ASN B 27 19.23 -10.62 -1.62
CA ASN B 27 19.53 -11.48 -0.49
C ASN B 27 18.55 -11.49 0.60
N GLY B 28 17.71 -10.49 0.70
CA GLY B 28 16.81 -10.34 1.80
C GLY B 28 15.34 -10.48 1.50
N VAL B 29 14.50 -10.26 2.51
N VAL B 29 14.58 -10.32 2.60
CA VAL B 29 13.06 -10.13 2.32
CA VAL B 29 13.11 -10.27 2.69
C VAL B 29 12.53 -8.86 2.92
C VAL B 29 12.55 -8.88 2.92
N ALA B 30 13.39 -7.87 3.06
CA ALA B 30 12.89 -6.55 3.46
C ALA B 30 12.16 -5.87 2.31
N THR B 31 12.60 -6.12 1.09
CA THR B 31 11.94 -5.64 -0.08
C THR B 31 11.41 -6.81 -0.86
N TYR B 32 10.21 -6.64 -1.39
CA TYR B 32 9.52 -7.68 -2.18
C TYR B 32 9.81 -7.50 -3.65
N GLU B 33 10.56 -6.44 -3.97
CA GLU B 33 11.16 -6.53 -5.36
CA GLU B 33 11.21 -6.46 -5.37
C GLU B 33 12.23 -7.66 -5.65
N GLU B 34 12.16 -8.21 -6.85
CA GLU B 34 13.00 -9.31 -7.23
C GLU B 34 14.22 -8.92 -8.08
N THR B 35 14.05 -7.95 -8.97
CA THR B 35 15.09 -7.55 -9.87
C THR B 35 15.62 -6.21 -9.39
N PRO B 36 16.94 -6.12 -9.14
CA PRO B 36 17.49 -4.84 -8.67
C PRO B 36 17.20 -3.72 -9.64
N PRO B 37 16.68 -2.59 -9.17
CA PRO B 37 16.54 -1.45 -10.07
C PRO B 37 17.88 -0.94 -10.57
N SER B 38 17.88 -0.36 -11.75
CA SER B 38 19.02 0.37 -12.24
C SER B 38 19.27 1.63 -11.48
N GLU B 39 20.46 2.21 -11.63
CA GLU B 39 20.70 3.51 -11.05
CA GLU B 39 20.68 3.52 -11.01
C GLU B 39 19.73 4.57 -11.59
N ALA B 40 19.44 4.50 -12.88
CA ALA B 40 18.50 5.45 -13.44
C ALA B 40 17.12 5.34 -12.79
N GLU B 41 16.66 4.12 -12.48
CA GLU B 41 15.39 3.96 -11.78
C GLU B 41 15.48 4.46 -10.37
N ALA B 43 17.34 6.83 -9.37
CA ALA B 43 17.35 8.26 -9.52
C ALA B 43 15.94 8.83 -9.64
N LEU B 44 15.12 8.20 -10.45
CA LEU B 44 13.67 8.61 -10.56
CA LEU B 44 13.72 8.62 -10.56
C LEU B 44 13.02 8.54 -9.21
N ARG B 45 13.25 7.45 -8.47
CA ARG B 45 12.60 7.30 -7.16
C ARG B 45 13.08 8.41 -6.22
N PHE B 46 14.39 8.65 -6.19
CA PHE B 46 14.96 9.71 -5.37
C PHE B 46 14.36 11.04 -5.69
N SER B 47 14.28 11.39 -6.97
CA SER B 47 13.69 12.65 -7.39
C SER B 47 12.22 12.75 -7.00
N THR B 48 11.50 11.67 -7.11
CA THR B 48 10.10 11.71 -6.75
C THR B 48 9.88 11.90 -5.28
N ILE B 49 10.60 11.14 -4.45
CA ILE B 49 10.48 11.22 -3.01
C ILE B 49 10.82 12.62 -2.54
N THR B 50 12.02 13.08 -2.91
CA THR B 50 12.48 14.39 -2.47
C THR B 50 11.67 15.50 -3.08
N GLY B 51 11.15 15.34 -4.30
CA GLY B 51 10.32 16.34 -4.89
C GLY B 51 9.03 16.52 -4.15
N ASN B 52 8.54 15.50 -3.46
CA ASN B 52 7.36 15.58 -2.62
C ASN B 52 7.68 16.14 -1.25
N GLY B 53 8.89 16.54 -0.98
CA GLY B 53 9.25 17.15 0.29
C GLY B 53 9.63 16.17 1.38
N TYR B 54 9.65 14.86 1.07
CA TYR B 54 9.97 13.87 2.07
C TYR B 54 11.45 13.79 2.34
N PRO B 55 11.85 13.44 3.56
CA PRO B 55 13.26 13.34 3.89
C PRO B 55 13.87 12.08 3.32
N TYR B 56 15.13 12.19 2.87
CA TYR B 56 15.89 11.10 2.27
C TYR B 56 17.31 11.31 2.77
N VAL B 57 17.77 10.44 3.64
CA VAL B 57 19.03 10.62 4.33
CA VAL B 57 19.01 10.59 4.40
C VAL B 57 19.96 9.44 4.14
N VAL B 58 21.26 9.70 4.28
CA VAL B 58 22.27 8.68 4.25
C VAL B 58 23.04 8.66 5.57
N ALA B 59 23.55 7.49 5.90
CA ALA B 59 24.54 7.30 6.99
C ALA B 59 25.89 7.10 6.39
N LEU B 60 26.91 7.69 7.02
CA LEU B 60 28.28 7.67 6.55
C LEU B 60 29.21 6.92 7.48
N ASP B 61 30.21 6.28 6.93
CA ASP B 61 31.29 5.73 7.73
C ASP B 61 32.32 6.80 8.10
N GLU B 62 33.41 6.42 8.77
CA GLU B 62 34.36 7.39 9.28
CA GLU B 62 34.42 7.37 9.26
C GLU B 62 35.16 8.12 8.18
N ARG B 63 35.14 7.58 6.96
CA ARG B 63 35.75 8.17 5.78
CA ARG B 63 35.75 8.21 5.80
C ARG B 63 34.75 9.02 4.99
N GLY B 64 33.49 9.09 5.43
CA GLY B 64 32.49 9.85 4.67
C GLY B 64 31.74 9.06 3.63
N ALA B 65 32.00 7.76 3.53
CA ALA B 65 31.32 6.96 2.49
C ALA B 65 29.95 6.57 2.96
N VAL B 66 29.00 6.46 2.01
CA VAL B 66 27.64 6.08 2.34
C VAL B 66 27.59 4.59 2.63
N ILE B 67 27.04 4.24 3.79
CA ILE B 67 26.90 2.88 4.24
CA ILE B 67 26.90 2.88 4.23
C ILE B 67 25.45 2.48 4.56
N GLY B 68 24.52 3.41 4.43
CA GLY B 68 23.12 3.11 4.63
C GLY B 68 22.32 4.31 4.21
N TYR B 69 21.01 4.10 4.05
CA TYR B 69 20.11 5.18 3.72
C TYR B 69 18.72 4.92 4.26
N ALA B 70 17.91 5.96 4.33
CA ALA B 70 16.54 5.83 4.77
C ALA B 70 15.74 6.95 4.20
N TYR B 71 14.45 6.71 3.99
CA TYR B 71 13.55 7.75 3.54
C TYR B 71 12.16 7.50 4.05
N ALA B 72 11.39 8.56 4.09
CA ALA B 72 9.93 8.47 4.23
C ALA B 72 9.30 8.73 2.90
N SER B 73 8.16 8.13 2.66
CA SER B 73 7.37 8.38 1.46
CA SER B 73 7.38 8.39 1.47
C SER B 73 5.91 8.10 1.75
N ALA B 74 5.05 8.25 0.76
CA ALA B 74 3.64 7.93 0.95
C ALA B 74 3.48 6.45 1.21
N PHE B 75 2.49 6.08 2.01
CA PHE B 75 1.99 4.73 2.05
C PHE B 75 1.26 4.42 0.77
N ARG B 76 0.31 5.26 0.42
CA ARG B 76 -0.41 5.30 -0.82
C ARG B 76 -0.59 6.84 -1.09
N ASN B 77 -0.50 7.24 -2.33
CA ASN B 77 -0.52 8.67 -2.64
C ASN B 77 -1.93 9.18 -2.93
N ARG B 78 -2.93 8.45 -2.45
CA ARG B 78 -4.27 9.15 -2.35
CA ARG B 78 -4.27 9.15 -2.34
C ARG B 78 -4.42 10.31 -1.26
N THR B 79 -5.14 11.33 -1.69
CA THR B 79 -5.30 12.56 -0.91
C THR B 79 -5.43 12.37 0.58
N ALA B 80 -6.36 11.52 0.96
CA ALA B 80 -6.68 11.41 2.36
C ALA B 80 -5.55 10.81 3.19
N TYR B 81 -4.58 10.15 2.54
CA TYR B 81 -3.43 9.60 3.24
C TYR B 81 -2.28 10.61 3.41
N ARG B 82 -2.47 11.91 3.08
CA ARG B 82 -1.35 12.80 2.99
C ARG B 82 -0.59 13.06 4.28
N PHE B 83 -1.24 12.85 5.45
CA PHE B 83 -0.60 13.02 6.73
C PHE B 83 0.07 11.77 7.24
N LEU B 84 0.02 10.70 6.45
CA LEU B 84 0.64 9.41 6.78
C LEU B 84 1.90 9.23 5.93
N VAL B 85 3.00 8.83 6.55
CA VAL B 85 4.20 8.46 5.84
C VAL B 85 4.58 7.05 6.20
N GLU B 86 5.39 6.45 5.33
CA GLU B 86 5.93 5.12 5.51
C GLU B 86 7.44 5.21 5.50
N ASP B 87 8.12 4.53 6.39
CA ASP B 87 9.57 4.54 6.42
C ASP B 87 10.18 3.35 5.69
N SER B 88 11.35 3.57 5.11
CA SER B 88 12.19 2.56 4.51
C SER B 88 13.63 2.78 4.95
N ILE B 89 14.32 1.75 5.38
CA ILE B 89 15.69 1.82 5.93
C ILE B 89 16.51 0.68 5.37
N TYR B 90 17.67 0.96 4.81
CA TYR B 90 18.55 -0.05 4.26
C TYR B 90 19.99 0.24 4.64
N LEU B 91 20.67 -0.72 5.30
CA LEU B 91 22.09 -0.60 5.63
C LEU B 91 22.90 -1.65 4.87
N SER B 92 24.09 -1.29 4.42
CA SER B 92 24.99 -2.28 3.84
CA SER B 92 25.07 -2.24 3.84
C SER B 92 25.32 -3.29 4.94
N PRO B 93 25.60 -4.55 4.56
CA PRO B 93 25.77 -5.58 5.60
C PRO B 93 26.76 -5.23 6.69
N GLU B 94 27.88 -4.64 6.33
CA GLU B 94 28.93 -4.40 7.30
C GLU B 94 28.57 -3.25 8.26
N ALA B 95 27.54 -2.47 7.92
CA ALA B 95 27.07 -1.34 8.75
C ALA B 95 25.98 -1.75 9.72
N ARG B 96 25.54 -3.00 9.66
CA ARG B 96 24.51 -3.47 10.53
C ARG B 96 25.05 -3.78 11.94
N GLY B 97 24.16 -3.72 12.94
CA GLY B 97 24.52 -4.07 14.31
C GLY B 97 25.34 -3.04 15.04
N LYS B 98 25.24 -1.77 14.64
CA LYS B 98 26.05 -0.66 15.13
C LYS B 98 25.21 0.55 15.55
N GLY B 99 23.91 0.32 15.71
CA GLY B 99 23.01 1.41 16.11
C GLY B 99 22.59 2.36 15.00
N ILE B 100 23.00 2.12 13.78
CA ILE B 100 22.75 3.06 12.69
C ILE B 100 21.29 3.01 12.27
N GLY B 101 20.65 1.85 12.25
CA GLY B 101 19.26 1.74 11.94
C GLY B 101 18.41 2.58 12.87
N LYS B 102 18.72 2.52 14.16
CA LYS B 102 17.98 3.31 15.11
C LYS B 102 18.22 4.82 14.88
N ALA B 103 19.45 5.20 14.53
CA ALA B 103 19.72 6.59 14.25
C ALA B 103 18.88 7.02 13.05
N LEU B 104 18.88 6.20 12.00
CA LEU B 104 18.11 6.55 10.79
C LEU B 104 16.62 6.64 11.06
N LEU B 105 16.07 5.68 11.79
CA LEU B 105 14.65 5.72 12.08
C LEU B 105 14.30 6.93 12.95
N SER B 106 15.11 7.20 13.96
CA SER B 106 14.92 8.34 14.81
CA SER B 106 14.87 8.36 14.81
CA SER B 106 14.93 8.37 14.82
C SER B 106 14.89 9.63 13.96
N GLU B 107 15.81 9.69 12.99
CA GLU B 107 15.89 10.84 12.11
C GLU B 107 14.65 10.96 11.28
N LEU B 108 14.15 9.89 10.69
CA LEU B 108 12.92 9.96 9.94
C LEU B 108 11.72 10.40 10.81
N VAL B 109 11.60 9.84 12.01
CA VAL B 109 10.55 10.19 12.92
C VAL B 109 10.63 11.69 13.25
N GLY B 110 11.83 12.15 13.58
CA GLY B 110 12.02 13.55 13.94
C GLY B 110 11.73 14.47 12.80
N ARG B 111 12.28 14.17 11.62
CA ARG B 111 12.05 15.03 10.47
CA ARG B 111 12.04 15.03 10.46
C ARG B 111 10.54 15.12 10.11
N CYS B 112 9.91 13.93 10.06
CA CYS B 112 8.54 13.91 9.66
C CYS B 112 7.65 14.60 10.69
N THR B 113 7.98 14.48 11.97
CA THR B 113 7.26 15.24 13.00
C THR B 113 7.39 16.74 12.74
N ALA B 114 8.62 17.19 12.53
CA ALA B 114 8.90 18.63 12.31
C ALA B 114 8.21 19.13 11.11
N LEU B 115 8.10 18.27 10.05
CA LEU B 115 7.48 18.65 8.81
C LEU B 115 5.96 18.70 8.88
N GLY B 116 5.32 18.04 9.87
CA GLY B 116 3.91 18.13 10.07
C GLY B 116 3.10 16.91 9.76
N PHE B 117 3.75 15.78 9.45
CA PHE B 117 3.01 14.53 9.33
C PHE B 117 2.50 14.07 10.70
N ARG B 118 1.50 13.18 10.67
CA ARG B 118 0.80 12.81 11.89
C ARG B 118 0.85 11.33 12.24
N GLN B 119 1.18 10.45 11.29
CA GLN B 119 1.31 9.02 11.55
C GLN B 119 2.42 8.47 10.68
N ILE B 121 3.81 4.59 9.29
CA ILE B 121 3.62 3.16 9.15
CA ILE B 121 3.65 3.15 9.20
C ILE B 121 4.90 2.53 8.64
N ALA B 122 5.22 1.36 9.20
CA ALA B 122 6.28 0.50 8.69
C ALA B 122 5.64 -0.79 8.17
N VAL B 123 5.98 -1.15 6.96
CA VAL B 123 5.53 -2.37 6.31
C VAL B 123 6.75 -3.28 6.25
N ILE B 124 6.82 -4.28 7.12
CA ILE B 124 8.02 -5.01 7.40
C ILE B 124 7.95 -6.35 6.65
N GLY B 125 8.73 -6.44 5.59
CA GLY B 125 8.82 -7.61 4.78
C GLY B 125 9.31 -8.78 5.57
N GLY B 126 8.66 -9.92 5.39
CA GLY B 126 9.03 -11.10 6.11
C GLY B 126 8.74 -11.09 7.59
N ALA B 127 8.16 -10.02 8.11
CA ALA B 127 8.03 -9.87 9.57
C ALA B 127 9.35 -10.10 10.26
N HIS B 128 10.42 -9.59 9.64
N HIS B 128 10.42 -9.59 9.64
CA HIS B 128 11.79 -9.80 10.11
CA HIS B 128 11.78 -9.79 10.11
C HIS B 128 11.94 -9.34 11.56
C HIS B 128 11.94 -9.34 11.56
N PRO B 129 12.34 -10.25 12.48
CA PRO B 129 12.30 -9.86 13.90
C PRO B 129 13.19 -8.68 14.23
N SER B 130 14.39 -8.58 13.66
CA SER B 130 15.26 -7.43 13.98
CA SER B 130 15.21 -7.44 14.06
C SER B 130 14.63 -6.09 13.58
N SER B 131 13.86 -6.10 12.49
CA SER B 131 13.19 -4.91 12.04
CA SER B 131 13.18 -4.90 12.03
C SER B 131 12.01 -4.55 12.92
N ILE B 132 11.25 -5.57 13.36
CA ILE B 132 10.21 -5.33 14.31
C ILE B 132 10.79 -4.72 15.60
N ALA B 133 11.86 -5.30 16.09
CA ALA B 133 12.49 -4.84 17.33
C ALA B 133 12.96 -3.37 17.21
N LEU B 134 13.56 -3.05 16.10
CA LEU B 134 14.01 -1.67 15.86
C LEU B 134 12.88 -0.68 15.95
N HIS B 135 11.76 -1.01 15.30
CA HIS B 135 10.62 -0.13 15.32
C HIS B 135 9.97 -0.04 16.68
N ARG B 136 9.86 -1.19 17.38
CA ARG B 136 9.30 -1.20 18.72
C ARG B 136 10.08 -0.29 19.66
N ALA B 137 11.37 -0.28 19.50
CA ALA B 137 12.25 0.56 20.36
C ALA B 137 12.04 2.03 20.13
N LEU B 138 11.46 2.44 19.02
CA LEU B 138 11.14 3.84 18.82
CA LEU B 138 11.15 3.83 18.62
C LEU B 138 9.66 4.10 18.84
N GLY B 139 8.92 3.25 19.56
CA GLY B 139 7.59 3.53 19.91
C GLY B 139 6.55 3.12 18.91
N PHE B 140 6.93 2.36 17.89
CA PHE B 140 5.92 1.77 17.02
C PHE B 140 5.22 0.63 17.76
N GLU B 141 3.99 0.41 17.38
CA GLU B 141 3.19 -0.72 17.86
CA GLU B 141 3.16 -0.68 17.88
CA GLU B 141 3.22 -0.73 17.86
C GLU B 141 2.77 -1.57 16.68
N LEU B 142 2.83 -2.86 16.85
CA LEU B 142 2.40 -3.81 15.84
C LEU B 142 0.91 -3.71 15.69
N GLN B 143 0.44 -3.49 14.48
CA GLN B 143 -0.98 -3.35 14.20
C GLN B 143 -1.55 -4.59 13.53
N GLY B 144 -0.78 -5.35 12.79
CA GLY B 144 -1.29 -6.56 12.16
C GLY B 144 -0.19 -7.32 11.49
N LEU B 145 -0.50 -8.58 11.20
CA LEU B 145 0.41 -9.51 10.55
CA LEU B 145 0.39 -9.50 10.55
C LEU B 145 -0.36 -10.13 9.39
N LYS B 147 -0.51 -12.62 6.82
CA LYS B 147 0.15 -13.90 6.66
C LYS B 147 0.29 -14.32 5.21
N ALA B 148 1.46 -14.83 4.87
CA ALA B 148 1.69 -15.53 3.61
C ALA B 148 1.31 -14.63 2.44
N THR B 149 1.67 -13.34 2.57
CA THR B 149 1.40 -12.34 1.55
C THR B 149 2.55 -12.14 0.59
N GLY B 150 3.76 -12.55 0.96
CA GLY B 150 4.88 -12.53 0.04
C GLY B 150 5.32 -13.93 -0.31
N PHE B 151 5.98 -14.07 -1.44
CA PHE B 151 6.61 -15.33 -1.84
C PHE B 151 7.97 -14.98 -2.45
N LYS B 152 9.05 -15.37 -1.79
CA LYS B 152 10.41 -15.02 -2.25
C LYS B 152 11.36 -16.06 -1.69
N HIS B 153 12.46 -16.32 -2.41
N HIS B 153 12.43 -16.34 -2.44
CA HIS B 153 13.45 -17.32 -1.96
CA HIS B 153 13.44 -17.33 -2.04
C HIS B 153 12.79 -18.68 -1.71
C HIS B 153 12.80 -18.68 -1.73
N GLY B 154 11.72 -18.98 -2.45
CA GLY B 154 11.06 -20.24 -2.33
C GLY B 154 10.16 -20.43 -1.15
N ARG B 155 9.85 -19.36 -0.41
CA ARG B 155 9.02 -19.50 0.74
C ARG B 155 7.97 -18.41 0.86
N TRP B 156 6.89 -18.78 1.53
CA TRP B 156 5.86 -17.83 1.93
C TRP B 156 6.35 -16.96 3.04
N LEU B 157 6.00 -15.67 2.97
CA LEU B 157 6.46 -14.65 3.89
C LEU B 157 5.27 -13.95 4.48
N ASP B 158 5.34 -13.65 5.74
CA ASP B 158 4.37 -12.77 6.40
C ASP B 158 4.84 -11.33 6.27
N THR B 159 3.89 -10.39 6.32
CA THR B 159 4.22 -8.95 6.23
C THR B 159 3.61 -8.28 7.44
N ALA B 160 4.48 -7.68 8.28
CA ALA B 160 4.01 -7.01 9.49
C ALA B 160 3.77 -5.55 9.25
N PHE B 161 2.73 -5.01 9.84
CA PHE B 161 2.41 -3.60 9.79
C PHE B 161 2.51 -3.00 11.17
N GLN B 163 2.85 0.85 13.47
CA GLN B 163 2.47 2.27 13.39
C GLN B 163 2.96 3.03 14.60
N ARG B 164 3.38 4.22 14.35
CA ARG B 164 3.67 5.28 15.38
CA ARG B 164 3.46 5.21 15.46
C ARG B 164 2.97 6.67 15.13
N PRO B 165 2.28 7.22 16.10
CA PRO B 165 1.81 8.59 15.87
C PRO B 165 3.02 9.52 15.78
N LEU B 166 2.78 10.63 15.08
CA LEU B 166 3.80 11.68 14.98
C LEU B 166 3.23 13.02 15.51
N GLY B 167 4.02 13.67 16.37
CA GLY B 167 3.64 15.00 16.86
C GLY B 167 2.30 14.95 17.55
N GLU B 168 1.38 15.80 17.13
CA GLU B 168 0.03 15.81 17.73
CA GLU B 168 0.03 15.84 17.72
C GLU B 168 -0.83 14.61 17.36
N GLY B 169 -0.42 13.80 16.36
CA GLY B 169 -1.19 12.63 16.01
C GLY B 169 -2.58 12.97 15.63
N THR B 170 -3.55 12.26 16.22
CA THR B 170 -4.95 12.46 15.94
C THR B 170 -5.56 13.57 16.81
N ALA B 171 -4.80 14.17 17.73
CA ALA B 171 -5.40 15.03 18.77
C ALA B 171 -5.89 16.38 18.26
N THR B 172 -5.35 16.86 17.16
CA THR B 172 -5.74 18.13 16.59
C THR B 172 -5.98 17.92 15.13
N LYS B 173 -6.67 18.83 14.50
CA LYS B 173 -6.86 18.85 13.09
C LYS B 173 -5.59 19.39 12.44
N PRO B 174 -5.25 18.97 11.20
CA PRO B 174 -4.04 19.56 10.61
C PRO B 174 -4.22 21.06 10.26
N THR B 175 -3.10 21.77 10.13
CA THR B 175 -3.09 23.16 9.67
C THR B 175 -3.33 23.19 8.20
N GLU B 176 -4.46 23.81 7.82
CA GLU B 176 -4.91 23.89 6.44
CA GLU B 176 -4.85 23.87 6.43
C GLU B 176 -3.92 24.76 5.62
N GLY B 177 -3.58 24.31 4.42
CA GLY B 177 -2.88 25.12 3.47
C GLY B 177 -1.39 25.24 3.59
N VAL B 178 -0.80 24.47 4.49
CA VAL B 178 0.65 24.40 4.59
C VAL B 178 1.05 22.93 4.52
N TYR B 179 2.27 22.69 4.14
CA TYR B 179 2.80 21.34 4.01
C TYR B 179 2.59 20.60 5.34
N PRO B 180 2.17 19.31 5.31
CA PRO B 180 1.88 18.46 4.16
C PRO B 180 0.44 18.44 3.69
N ASP B 181 -0.38 19.36 4.22
CA ASP B 181 -1.76 19.42 3.78
C ASP B 181 -1.84 19.72 2.28
N THR B 182 -0.79 20.31 1.72
CA THR B 182 -0.72 20.67 0.31
C THR B 182 -0.36 19.50 -0.63
N LEU B 183 -0.01 18.34 -0.09
CA LEU B 183 0.27 17.18 -0.91
C LEU B 183 -0.97 16.52 -1.51
N TYR B 184 -0.84 16.05 -2.74
CA TYR B 184 -1.84 15.16 -3.37
C TYR B 184 -3.19 15.88 -3.54
N ARG B 185 -3.17 17.18 -3.87
CA ARG B 185 -4.38 17.99 -4.08
C ARG B 185 -4.47 18.35 -5.57
N SER B 186 -5.65 18.15 -6.15
CA SER B 186 -5.82 18.30 -7.62
C SER B 186 -7.25 18.71 -8.01
#